data_1OBG
#
_entry.id   1OBG
#
_cell.length_a   69.770
_cell.length_b   74.190
_cell.length_c   76.000
_cell.angle_alpha   90.00
_cell.angle_beta   90.00
_cell.angle_gamma   90.00
#
_symmetry.space_group_name_H-M   'P 21 21 21'
#
loop_
_entity.id
_entity.type
_entity.pdbx_description
1 polymer 'PHOSPHORIBOSYLAMIDOIMIDAZOLE- SUCCINOCARBOXAMIDE SYNTHASE'
2 non-polymer 'ADENOSINE MONOPHOSPHATE'
3 non-polymer 'SULFATE ION'
4 non-polymer 'MAGNESIUM ION'
5 water water
#
_entity_poly.entity_id   1
_entity_poly.type   'polypeptide(L)'
_entity_poly.pdbx_seq_one_letter_code
;SITKTELDGILPLVARGKVRDIYEVDAGTLLFVATDRISAYDVIMENSIPEKGILLTKLSEFWFKFLSNDVRNHLVDIAP
GKTIFDYLPAKLSEPKYKTQLEDRSLLVHKHKLIPLEVIVRGYITGSAWKEYVKTGTVHGLKQPQGLKESQEFPEPIFTP
STKAEQGEHDENISPAQAAELVGEDLSRRVAELAVKLYSKCKDYAKEKGIIIADTKFEFGIDEKTNEIILVDEVLTPDSS
RFWNGASYKVGESQDSYDKQFLRDWLTANKLNGVNGVKMPQDIVDRTRAKYIEAYETLTGSKWSH
;
_entity_poly.pdbx_strand_id   A
#
loop_
_chem_comp.id
_chem_comp.type
_chem_comp.name
_chem_comp.formula
AMP non-polymer 'ADENOSINE MONOPHOSPHATE' 'C10 H14 N5 O7 P'
MG non-polymer 'MAGNESIUM ION' 'Mg 2'
SO4 non-polymer 'SULFATE ION' 'O4 S -2'
#
# COMPACT_ATOMS: atom_id res chain seq x y z
N SER A 1 18.82 -2.64 9.64
CA SER A 1 18.05 -1.47 9.12
C SER A 1 18.60 -0.88 7.82
N ILE A 2 17.75 -0.74 6.80
CA ILE A 2 18.11 -0.25 5.48
C ILE A 2 17.29 0.99 5.12
N THR A 3 17.96 2.14 4.98
CA THR A 3 17.29 3.40 4.66
C THR A 3 17.32 3.67 3.15
N LYS A 4 18.42 3.30 2.51
CA LYS A 4 18.64 3.61 1.11
C LYS A 4 19.54 2.54 0.54
N THR A 5 19.14 1.91 -0.54
CA THR A 5 19.98 0.89 -1.12
C THR A 5 21.03 1.51 -2.03
N GLU A 6 22.20 0.89 -2.04
CA GLU A 6 23.29 1.32 -2.88
C GLU A 6 23.84 0.09 -3.56
N LEU A 7 23.51 -0.08 -4.84
CA LEU A 7 23.92 -1.27 -5.57
C LEU A 7 25.02 -0.98 -6.58
N ASP A 8 25.53 0.24 -6.55
CA ASP A 8 26.80 0.58 -7.20
C ASP A 8 26.78 0.35 -8.70
N GLY A 9 25.63 0.53 -9.34
CA GLY A 9 25.55 0.34 -10.77
C GLY A 9 25.39 -1.11 -11.20
N ILE A 10 25.36 -2.05 -10.25
CA ILE A 10 25.27 -3.47 -10.60
C ILE A 10 23.90 -3.76 -11.24
N LEU A 11 22.91 -2.99 -10.81
CA LEU A 11 21.61 -2.94 -11.44
C LEU A 11 21.27 -1.48 -11.59
N PRO A 12 20.65 -1.08 -12.71
CA PRO A 12 20.22 0.30 -12.88
C PRO A 12 19.10 0.68 -11.94
N LEU A 13 19.36 1.74 -11.17
CA LEU A 13 18.36 2.39 -10.35
C LEU A 13 17.33 3.05 -11.28
N VAL A 14 16.05 2.81 -11.02
CA VAL A 14 15.02 3.50 -11.78
C VAL A 14 14.55 4.73 -10.98
N ALA A 15 14.20 4.53 -9.71
CA ALA A 15 13.70 5.62 -8.86
C ALA A 15 13.73 5.23 -7.40
N ARG A 16 13.80 6.22 -6.52
CA ARG A 16 13.51 6.03 -5.10
C ARG A 16 12.22 6.78 -4.82
N GLY A 17 11.21 6.04 -4.36
CA GLY A 17 9.96 6.64 -3.91
C GLY A 17 10.11 7.01 -2.44
N LYS A 18 8.99 7.23 -1.78
CA LYS A 18 8.99 7.51 -0.34
C LYS A 18 9.66 6.38 0.44
N VAL A 19 9.33 5.16 0.05
CA VAL A 19 9.63 3.95 0.79
C VAL A 19 10.43 2.93 -0.04
N ARG A 20 10.14 2.82 -1.34
CA ARG A 20 10.72 1.77 -2.18
C ARG A 20 11.83 2.31 -3.06
N ASP A 21 12.87 1.50 -3.26
CA ASP A 21 13.89 1.73 -4.26
C ASP A 21 13.58 0.75 -5.38
N ILE A 22 13.56 1.23 -6.63
CA ILE A 22 13.13 0.42 -7.74
C ILE A 22 14.31 0.26 -8.69
N TYR A 23 14.63 -0.98 -9.06
CA TYR A 23 15.74 -1.26 -9.99
C TYR A 23 15.20 -1.95 -11.21
N GLU A 24 15.84 -1.76 -12.36
CA GLU A 24 15.44 -2.49 -13.54
C GLU A 24 16.34 -3.71 -13.71
N VAL A 25 15.76 -4.88 -13.92
CA VAL A 25 16.56 -6.10 -14.04
C VAL A 25 16.74 -6.39 -15.53
N ASP A 26 15.65 -6.30 -16.29
CA ASP A 26 15.73 -6.25 -17.74
C ASP A 26 14.56 -5.41 -18.22
N ALA A 27 14.38 -5.41 -19.55
CA ALA A 27 13.34 -4.60 -20.19
C ALA A 27 11.96 -4.90 -19.63
N GLY A 28 11.73 -6.16 -19.23
CA GLY A 28 10.43 -6.61 -18.73
C GLY A 28 10.30 -6.86 -17.23
N THR A 29 11.34 -6.57 -16.45
CA THR A 29 11.48 -7.05 -15.07
C THR A 29 12.05 -5.95 -14.15
N LEU A 30 11.37 -5.67 -13.04
CA LEU A 30 11.83 -4.71 -12.07
C LEU A 30 12.09 -5.40 -10.73
N LEU A 31 12.93 -4.78 -9.91
CA LEU A 31 13.12 -5.25 -8.55
C LEU A 31 12.64 -4.12 -7.62
N PHE A 32 11.66 -4.42 -6.77
CA PHE A 32 11.14 -3.43 -5.81
C PHE A 32 11.72 -3.73 -4.45
N VAL A 33 12.43 -2.76 -3.87
CA VAL A 33 13.10 -3.01 -2.61
C VAL A 33 12.44 -2.07 -1.61
N ALA A 34 11.78 -2.66 -0.60
CA ALA A 34 11.13 -1.85 0.42
C ALA A 34 12.16 -1.49 1.50
N THR A 35 12.39 -0.19 1.67
CA THR A 35 13.31 0.26 2.71
C THR A 35 12.57 0.47 4.01
N ASP A 36 13.32 0.88 5.01
CA ASP A 36 12.77 1.10 6.34
C ASP A 36 12.41 2.56 6.56
N ARG A 37 12.31 3.34 5.47
CA ARG A 37 11.91 4.75 5.57
C ARG A 37 10.44 4.84 5.91
N ILE A 38 10.08 5.96 6.54
CA ILE A 38 8.69 6.18 6.92
C ILE A 38 8.35 7.62 6.65
N SER A 39 7.12 7.87 6.21
CA SER A 39 6.67 9.23 5.95
C SER A 39 5.52 9.64 6.86
N ALA A 40 5.36 10.94 7.07
CA ALA A 40 4.18 11.48 7.74
C ALA A 40 4.00 12.87 7.22
N TYR A 41 2.75 13.24 6.90
CA TYR A 41 2.42 14.59 6.43
C TYR A 41 3.30 14.91 5.24
N ASP A 42 3.36 13.92 4.35
CA ASP A 42 4.06 14.02 3.08
C ASP A 42 5.56 14.25 3.18
N VAL A 43 6.14 13.95 4.33
CA VAL A 43 7.57 14.15 4.52
C VAL A 43 8.25 12.88 5.09
N ILE A 44 9.43 12.52 4.58
CA ILE A 44 10.14 11.36 5.10
C ILE A 44 10.91 11.72 6.36
N MET A 45 10.87 10.83 7.35
CA MET A 45 11.62 11.03 8.58
C MET A 45 13.09 10.77 8.28
N GLU A 46 13.96 11.34 9.10
CA GLU A 46 15.40 11.25 8.89
C GLU A 46 15.88 9.85 9.23
N ASN A 47 15.34 9.27 10.29
CA ASN A 47 15.76 7.93 10.69
C ASN A 47 14.68 6.92 10.31
N SER A 48 14.98 5.64 10.51
CA SER A 48 14.16 4.60 9.95
C SER A 48 13.48 3.82 11.04
N ILE A 49 12.53 2.99 10.62
CA ILE A 49 11.94 1.99 11.50
C ILE A 49 12.57 0.65 11.12
N PRO A 50 13.45 0.12 11.95
CA PRO A 50 14.19 -1.11 11.58
C PRO A 50 13.27 -2.26 11.21
N GLU A 51 13.51 -2.80 10.01
CA GLU A 51 12.80 -3.97 9.48
C GLU A 51 11.39 -3.69 8.97
N LYS A 52 10.96 -2.43 9.02
CA LYS A 52 9.67 -2.06 8.48
C LYS A 52 9.49 -2.61 7.04
N GLY A 53 10.55 -2.53 6.24
CA GLY A 53 10.49 -2.95 4.85
C GLY A 53 10.41 -4.47 4.67
N ILE A 54 11.03 -5.22 5.56
CA ILE A 54 10.88 -6.67 5.56
C ILE A 54 9.44 -7.05 5.94
N LEU A 55 8.94 -6.47 7.05
CA LEU A 55 7.56 -6.71 7.48
C LEU A 55 6.52 -6.41 6.40
N LEU A 56 6.62 -5.26 5.74
CA LEU A 56 5.65 -4.88 4.69
C LEU A 56 5.78 -5.75 3.43
N THR A 57 6.99 -6.21 3.14
CA THR A 57 7.21 -7.05 1.98
C THR A 57 6.60 -8.42 2.26
N LYS A 58 6.83 -8.94 3.46
CA LYS A 58 6.25 -10.22 3.86
C LYS A 58 4.74 -10.15 3.93
N LEU A 59 4.24 -9.02 4.41
CA LEU A 59 2.80 -8.81 4.42
C LEU A 59 2.23 -8.79 3.01
N SER A 60 2.86 -8.05 2.10
CA SER A 60 2.46 -8.04 0.68
C SER A 60 2.48 -9.42 0.04
N GLU A 61 3.53 -10.20 0.35
CA GLU A 61 3.60 -11.55 -0.19
C GLU A 61 2.46 -12.41 0.31
N PHE A 62 2.17 -12.26 1.60
CA PHE A 62 1.02 -12.91 2.17
C PHE A 62 -0.25 -12.60 1.38
N TRP A 63 -0.53 -11.32 1.13
CA TRP A 63 -1.75 -10.99 0.43
C TRP A 63 -1.78 -11.51 -1.02
N PHE A 64 -0.65 -11.43 -1.71
CA PHE A 64 -0.59 -11.93 -3.09
C PHE A 64 -0.95 -13.42 -3.12
N LYS A 65 -0.41 -14.18 -2.16
CA LYS A 65 -0.74 -15.58 -2.02
C LYS A 65 -2.22 -15.80 -1.65
N PHE A 66 -2.72 -15.04 -0.66
CA PHE A 66 -4.12 -15.07 -0.27
C PHE A 66 -5.07 -14.83 -1.45
N LEU A 67 -4.65 -14.00 -2.41
CA LEU A 67 -5.50 -13.65 -3.54
C LEU A 67 -5.10 -14.37 -4.83
N SER A 68 -4.24 -15.38 -4.75
CA SER A 68 -3.71 -15.98 -5.99
C SER A 68 -4.78 -16.65 -6.86
N ASN A 69 -5.89 -17.09 -6.30
CA ASN A 69 -6.96 -17.64 -7.14
C ASN A 69 -7.88 -16.56 -7.69
N ASP A 70 -7.76 -15.33 -7.19
CA ASP A 70 -8.74 -14.29 -7.53
C ASP A 70 -8.25 -13.35 -8.59
N VAL A 71 -6.93 -13.25 -8.72
CA VAL A 71 -6.37 -12.30 -9.66
C VAL A 71 -4.91 -12.65 -9.93
N ARG A 72 -4.49 -12.44 -11.17
CA ARG A 72 -3.08 -12.56 -11.52
C ARG A 72 -2.34 -11.41 -10.88
N ASN A 73 -1.10 -11.64 -10.47
CA ASN A 73 -0.30 -10.53 -9.94
C ASN A 73 1.01 -10.40 -10.71
N HIS A 74 1.76 -9.35 -10.42
CA HIS A 74 2.98 -9.08 -11.17
C HIS A 74 4.25 -9.82 -10.71
N LEU A 75 4.17 -10.65 -9.68
CA LEU A 75 5.37 -11.33 -9.20
C LEU A 75 5.92 -12.25 -10.28
N VAL A 76 7.24 -12.25 -10.42
CA VAL A 76 7.90 -13.29 -11.21
C VAL A 76 7.74 -14.64 -10.46
N ASP A 77 7.38 -15.67 -11.22
CA ASP A 77 7.30 -17.04 -10.71
C ASP A 77 8.70 -17.61 -10.52
N ILE A 78 9.18 -17.63 -9.29
CA ILE A 78 10.53 -18.10 -8.98
C ILE A 78 10.48 -19.65 -8.96
N ALA A 79 11.40 -20.28 -9.68
CA ALA A 79 11.43 -21.75 -9.78
C ALA A 79 11.73 -22.42 -8.42
N PRO A 80 11.11 -23.57 -8.15
CA PRO A 80 11.38 -24.36 -6.92
C PRO A 80 12.87 -24.55 -6.64
N GLY A 81 13.28 -24.30 -5.40
CA GLY A 81 14.68 -24.40 -5.04
C GLY A 81 15.58 -23.26 -5.49
N LYS A 82 15.00 -22.22 -6.08
CA LYS A 82 15.77 -21.03 -6.47
C LYS A 82 15.35 -19.86 -5.59
N THR A 83 16.12 -18.78 -5.63
CA THR A 83 15.76 -17.53 -4.93
C THR A 83 15.83 -16.37 -5.91
N ILE A 84 15.43 -15.17 -5.48
CA ILE A 84 15.53 -14.01 -6.35
C ILE A 84 16.97 -13.82 -6.72
N PHE A 85 17.88 -14.26 -5.85
CA PHE A 85 19.30 -14.13 -6.13
C PHE A 85 19.78 -14.91 -7.36
N ASP A 86 19.06 -15.97 -7.74
CA ASP A 86 19.37 -16.72 -8.97
C ASP A 86 18.92 -15.99 -10.24
N TYR A 87 18.19 -14.89 -10.10
CA TYR A 87 17.67 -14.16 -11.26
C TYR A 87 18.35 -12.81 -11.37
N LEU A 88 19.33 -12.58 -10.49
CA LEU A 88 20.00 -11.31 -10.41
C LEU A 88 21.46 -11.55 -10.71
N PRO A 89 22.20 -10.49 -11.03
CA PRO A 89 23.65 -10.60 -11.18
C PRO A 89 24.29 -11.29 -9.95
N ALA A 90 25.20 -12.24 -10.22
CA ALA A 90 25.88 -13.03 -9.20
C ALA A 90 26.47 -12.17 -8.11
N LYS A 91 26.99 -11.01 -8.49
CA LYS A 91 27.58 -10.08 -7.51
C LYS A 91 26.62 -9.61 -6.40
N LEU A 92 25.32 -9.57 -6.68
CA LEU A 92 24.36 -9.18 -5.62
C LEU A 92 24.31 -10.18 -4.46
N SER A 93 24.88 -11.37 -4.64
CA SER A 93 24.93 -12.36 -3.56
C SER A 93 26.03 -12.15 -2.54
N GLU A 94 26.99 -11.27 -2.83
CA GLU A 94 27.96 -10.92 -1.82
C GLU A 94 27.26 -10.22 -0.66
N PRO A 95 27.68 -10.55 0.57
CA PRO A 95 27.05 -10.04 1.78
C PRO A 95 26.79 -8.53 1.76
N LYS A 96 27.70 -7.74 1.20
CA LYS A 96 27.47 -6.30 1.23
C LYS A 96 26.22 -5.83 0.44
N TYR A 97 25.83 -6.61 -0.57
CA TYR A 97 24.64 -6.28 -1.38
C TYR A 97 23.49 -7.11 -0.89
N LYS A 98 23.78 -8.37 -0.57
CA LYS A 98 22.77 -9.32 -0.16
C LYS A 98 21.99 -8.82 1.04
N THR A 99 22.70 -8.26 2.03
CA THR A 99 22.03 -7.77 3.24
C THR A 99 21.13 -6.57 3.00
N GLN A 100 21.32 -5.86 1.89
CA GLN A 100 20.45 -4.74 1.56
C GLN A 100 19.15 -5.18 0.91
N LEU A 101 19.15 -6.40 0.39
CA LEU A 101 18.08 -6.88 -0.49
C LEU A 101 17.27 -8.02 0.09
N GLU A 102 17.91 -8.84 0.92
CA GLU A 102 17.27 -10.06 1.43
C GLU A 102 16.03 -9.75 2.24
N ASP A 103 14.95 -10.44 1.89
CA ASP A 103 13.68 -10.39 2.63
C ASP A 103 12.88 -9.13 2.40
N ARG A 104 13.41 -8.19 1.61
CA ARG A 104 12.71 -6.92 1.42
C ARG A 104 12.50 -6.59 -0.05
N SER A 105 12.77 -7.56 -0.91
CA SER A 105 12.76 -7.34 -2.35
C SER A 105 11.73 -8.16 -3.10
N LEU A 106 11.05 -7.53 -4.05
CA LEU A 106 10.16 -8.28 -4.95
C LEU A 106 10.58 -8.14 -6.38
N LEU A 107 10.68 -9.28 -7.05
CA LEU A 107 10.99 -9.37 -8.46
C LEU A 107 9.69 -9.41 -9.23
N VAL A 108 9.47 -8.44 -10.11
CA VAL A 108 8.15 -8.34 -10.72
C VAL A 108 8.20 -8.09 -12.21
N HIS A 109 7.16 -8.51 -12.91
CA HIS A 109 7.01 -8.22 -14.33
C HIS A 109 6.47 -6.82 -14.50
N LYS A 110 7.13 -6.05 -15.38
CA LYS A 110 6.68 -4.73 -15.76
C LYS A 110 5.42 -4.88 -16.61
N HIS A 111 4.39 -4.08 -16.31
CA HIS A 111 3.15 -4.10 -17.11
C HIS A 111 2.68 -2.72 -17.44
N LYS A 112 1.90 -2.64 -18.50
CA LYS A 112 1.18 -1.40 -18.80
C LYS A 112 0.10 -1.18 -17.74
N LEU A 113 0.11 -0.01 -17.12
CA LEU A 113 -0.79 0.33 -16.03
C LEU A 113 -2.11 0.90 -16.52
N ILE A 114 -3.18 0.56 -15.81
CA ILE A 114 -4.47 1.24 -16.03
C ILE A 114 -4.30 2.56 -15.28
N PRO A 115 -4.53 3.66 -15.97
CA PRO A 115 -4.21 4.99 -15.40
C PRO A 115 -5.26 5.52 -14.41
N LEU A 116 -5.49 4.78 -13.32
CA LEU A 116 -6.42 5.15 -12.25
C LEU A 116 -5.79 4.72 -10.95
N GLU A 117 -6.04 5.46 -9.87
CA GLU A 117 -5.79 4.94 -8.56
C GLU A 117 -7.13 4.29 -8.17
N VAL A 118 -7.10 2.99 -7.98
CA VAL A 118 -8.33 2.25 -7.75
C VAL A 118 -8.53 2.16 -6.25
N ILE A 119 -9.24 3.16 -5.72
CA ILE A 119 -9.42 3.22 -4.27
C ILE A 119 -10.79 2.66 -4.00
N VAL A 120 -10.86 1.76 -3.02
CA VAL A 120 -12.12 1.22 -2.58
C VAL A 120 -12.25 1.54 -1.09
N ARG A 121 -13.44 1.97 -0.69
CA ARG A 121 -13.68 2.39 0.70
C ARG A 121 -14.77 1.54 1.31
N GLY A 122 -14.49 0.90 2.45
CA GLY A 122 -15.55 0.20 3.17
C GLY A 122 -16.18 1.06 4.26
N TYR A 123 -15.48 2.10 4.70
CA TYR A 123 -15.94 2.92 5.83
C TYR A 123 -15.72 4.40 5.50
N ILE A 124 -16.60 5.27 6.02
CA ILE A 124 -16.52 6.67 5.61
C ILE A 124 -15.56 7.45 6.53
N THR A 125 -14.52 8.01 5.95
CA THR A 125 -13.45 8.65 6.72
C THR A 125 -12.64 9.51 5.77
N GLY A 126 -11.72 10.31 6.32
CA GLY A 126 -10.82 11.08 5.50
C GLY A 126 -11.56 11.97 4.53
N SER A 127 -11.11 12.02 3.27
CA SER A 127 -11.68 12.92 2.28
C SER A 127 -13.13 12.59 1.94
N ALA A 128 -13.47 11.30 1.99
CA ALA A 128 -14.87 10.89 1.77
C ALA A 128 -15.77 11.49 2.86
N TRP A 129 -15.34 11.48 4.11
CA TRP A 129 -16.14 12.05 5.18
C TRP A 129 -16.33 13.56 5.02
N LYS A 130 -15.26 14.24 4.63
CA LYS A 130 -15.27 15.71 4.46
C LYS A 130 -16.26 16.07 3.37
N GLU A 131 -16.12 15.44 2.21
CA GLU A 131 -17.05 15.65 1.11
C GLU A 131 -18.49 15.36 1.48
N TYR A 132 -18.73 14.27 2.21
CA TYR A 132 -20.08 13.87 2.58
C TYR A 132 -20.73 14.89 3.50
N VAL A 133 -20.00 15.34 4.52
CA VAL A 133 -20.58 16.31 5.46
C VAL A 133 -21.07 17.56 4.69
N LYS A 134 -20.26 18.04 3.75
CA LYS A 134 -20.56 19.20 2.91
C LYS A 134 -21.73 19.00 1.95
N THR A 135 -21.61 18.00 1.08
CA THR A 135 -22.48 17.87 -0.10
C THR A 135 -23.44 16.69 -0.03
N GLY A 136 -23.18 15.77 0.90
CA GLY A 136 -23.93 14.54 0.97
C GLY A 136 -23.50 13.55 -0.11
N THR A 137 -22.37 13.81 -0.76
CA THR A 137 -21.88 12.90 -1.81
C THR A 137 -20.44 12.45 -1.58
N VAL A 138 -20.03 11.39 -2.29
CA VAL A 138 -18.64 10.95 -2.27
C VAL A 138 -18.26 10.71 -3.73
N HIS A 139 -17.31 11.48 -4.23
CA HIS A 139 -16.99 11.47 -5.65
C HIS A 139 -18.27 11.63 -6.50
N GLY A 140 -19.11 12.58 -6.12
CA GLY A 140 -20.39 12.79 -6.80
C GLY A 140 -21.46 11.72 -6.61
N LEU A 141 -21.13 10.64 -5.91
CA LEU A 141 -22.11 9.60 -5.68
C LEU A 141 -22.95 9.99 -4.47
N LYS A 142 -24.27 10.02 -4.66
CA LYS A 142 -25.22 10.31 -3.59
C LYS A 142 -25.16 9.24 -2.50
N GLN A 143 -25.00 9.70 -1.27
CA GLN A 143 -24.89 8.82 -0.13
C GLN A 143 -26.17 8.87 0.69
N PRO A 144 -26.48 7.82 1.44
CA PRO A 144 -27.61 7.90 2.36
C PRO A 144 -27.43 9.03 3.38
N GLN A 145 -28.56 9.63 3.78
CA GLN A 145 -28.62 10.57 4.90
C GLN A 145 -28.16 9.90 6.21
N GLY A 146 -27.54 10.67 7.09
CA GLY A 146 -27.29 10.23 8.46
C GLY A 146 -26.10 9.32 8.76
N LEU A 147 -25.18 9.13 7.80
CA LEU A 147 -23.93 8.41 8.11
C LEU A 147 -23.19 9.14 9.23
N LYS A 148 -22.59 8.38 10.16
CA LYS A 148 -21.74 8.94 11.20
C LYS A 148 -20.27 8.69 10.86
N GLU A 149 -19.40 9.42 11.52
CA GLU A 149 -17.97 9.34 11.18
C GLU A 149 -17.45 7.93 11.40
N SER A 150 -16.72 7.40 10.41
CA SER A 150 -16.08 6.06 10.49
C SER A 150 -17.03 4.90 10.34
N GLN A 151 -18.27 5.21 10.03
CA GLN A 151 -19.28 4.18 9.82
C GLN A 151 -18.98 3.42 8.53
N GLU A 152 -19.28 2.13 8.52
CA GLU A 152 -19.24 1.32 7.30
C GLU A 152 -20.24 1.81 6.25
N PHE A 153 -19.84 1.88 4.99
CA PHE A 153 -20.81 2.08 3.91
C PHE A 153 -21.70 0.82 3.80
N PRO A 154 -22.93 0.96 3.27
CA PRO A 154 -23.81 -0.20 3.03
C PRO A 154 -23.07 -1.26 2.19
N GLU A 155 -22.36 -0.82 1.16
CA GLU A 155 -21.45 -1.68 0.43
C GLU A 155 -20.18 -0.89 0.17
N PRO A 156 -19.05 -1.57 -0.03
CA PRO A 156 -17.81 -0.87 -0.40
C PRO A 156 -18.02 -0.09 -1.70
N ILE A 157 -17.43 1.09 -1.77
CA ILE A 157 -17.61 1.91 -2.96
C ILE A 157 -16.29 2.15 -3.66
N PHE A 158 -16.40 2.19 -4.98
CA PHE A 158 -15.28 2.42 -5.87
C PHE A 158 -15.18 3.94 -6.03
N THR A 159 -14.09 4.54 -5.54
CA THR A 159 -13.89 5.97 -5.61
C THR A 159 -12.54 6.25 -6.25
N PRO A 160 -12.49 6.17 -7.57
CA PRO A 160 -11.21 6.29 -8.27
C PRO A 160 -10.69 7.73 -8.19
N SER A 161 -9.39 7.85 -8.34
CA SER A 161 -8.79 9.14 -8.61
C SER A 161 -7.91 8.95 -9.83
N THR A 162 -7.55 10.05 -10.49
CA THR A 162 -6.63 9.98 -11.62
C THR A 162 -5.30 9.54 -11.07
N LYS A 163 -4.43 9.10 -11.97
CA LYS A 163 -3.08 8.72 -11.57
C LYS A 163 -2.15 9.72 -12.24
N ALA A 164 -1.85 10.81 -11.54
CA ALA A 164 -1.22 11.95 -12.17
C ALA A 164 0.25 11.70 -12.52
N GLU A 165 0.62 12.05 -13.75
CA GLU A 165 2.02 12.10 -14.17
C GLU A 165 2.77 13.18 -13.41
N GLN A 166 4.07 12.97 -13.22
CA GLN A 166 4.88 13.90 -12.43
C GLN A 166 4.59 15.35 -12.78
N GLY A 167 4.46 16.18 -11.75
CA GLY A 167 4.23 17.59 -11.94
C GLY A 167 2.84 18.07 -11.54
N GLU A 168 2.00 17.14 -11.07
CA GLU A 168 0.60 17.48 -10.76
C GLU A 168 -0.06 16.47 -9.81
N HIS A 169 -1.10 16.91 -9.09
CA HIS A 169 -1.74 16.05 -8.08
C HIS A 169 -2.99 15.31 -8.57
N ASP A 170 -3.28 14.16 -7.95
CA ASP A 170 -4.37 13.26 -8.32
C ASP A 170 -5.76 13.84 -8.04
N GLU A 171 -6.58 14.00 -9.08
CA GLU A 171 -7.98 14.44 -8.97
C GLU A 171 -8.98 13.31 -8.66
N ASN A 172 -9.86 13.55 -7.69
CA ASN A 172 -10.96 12.64 -7.42
C ASN A 172 -11.99 12.69 -8.53
N ILE A 173 -12.33 11.52 -9.06
CA ILE A 173 -13.32 11.47 -10.14
C ILE A 173 -14.40 10.48 -9.80
N SER A 174 -15.50 10.56 -10.53
CA SER A 174 -16.63 9.68 -10.33
C SER A 174 -16.41 8.45 -11.20
N PRO A 175 -17.06 7.33 -10.90
CA PRO A 175 -17.06 6.18 -11.80
C PRO A 175 -17.41 6.49 -13.28
N ALA A 176 -18.31 7.45 -13.55
CA ALA A 176 -18.68 7.78 -14.95
C ALA A 176 -17.51 8.45 -15.65
N GLN A 177 -16.82 9.31 -14.93
CA GLN A 177 -15.59 9.89 -15.46
C GLN A 177 -14.50 8.83 -15.71
N ALA A 178 -14.39 7.84 -14.83
CA ALA A 178 -13.38 6.78 -15.03
C ALA A 178 -13.70 6.03 -16.32
N ALA A 179 -14.98 5.80 -16.54
CA ALA A 179 -15.44 5.15 -17.79
C ALA A 179 -15.05 5.94 -19.05
N GLU A 180 -15.18 7.26 -19.03
CA GLU A 180 -14.77 8.09 -20.16
C GLU A 180 -13.25 7.99 -20.30
N LEU A 181 -12.57 7.96 -19.16
CA LEU A 181 -11.12 7.91 -19.12
C LEU A 181 -10.55 6.59 -19.62
N VAL A 182 -11.06 5.45 -19.14
CA VAL A 182 -10.44 4.18 -19.54
C VAL A 182 -11.28 3.32 -20.43
N GLY A 183 -12.53 3.69 -20.66
CA GLY A 183 -13.42 2.86 -21.44
C GLY A 183 -14.47 2.29 -20.53
N GLU A 184 -15.72 2.27 -21.00
CA GLU A 184 -16.84 1.79 -20.22
C GLU A 184 -16.64 0.35 -19.74
N ASP A 185 -16.32 -0.56 -20.64
CA ASP A 185 -16.21 -1.97 -20.30
C ASP A 185 -15.04 -2.24 -19.35
N LEU A 186 -13.90 -1.62 -19.62
CA LEU A 186 -12.77 -1.79 -18.76
C LEU A 186 -13.06 -1.25 -17.36
N SER A 187 -13.74 -0.10 -17.26
CA SER A 187 -13.93 0.53 -15.96
C SER A 187 -14.86 -0.30 -15.07
N ARG A 188 -15.81 -0.98 -15.70
CA ARG A 188 -16.75 -1.86 -15.00
C ARG A 188 -16.03 -3.11 -14.47
N ARG A 189 -15.17 -3.68 -15.30
CA ARG A 189 -14.39 -4.84 -14.88
C ARG A 189 -13.45 -4.47 -13.73
N VAL A 190 -12.90 -3.27 -13.79
CA VAL A 190 -12.02 -2.79 -12.73
C VAL A 190 -12.78 -2.65 -11.42
N ALA A 191 -13.95 -2.04 -11.48
CA ALA A 191 -14.76 -1.81 -10.29
C ALA A 191 -15.14 -3.17 -9.70
N GLU A 192 -15.62 -4.09 -10.54
CA GLU A 192 -16.06 -5.41 -10.06
C GLU A 192 -14.89 -6.08 -9.33
N LEU A 193 -13.72 -6.04 -9.95
CA LEU A 193 -12.58 -6.78 -9.41
C LEU A 193 -12.06 -6.13 -8.13
N ALA A 194 -11.95 -4.81 -8.14
CA ALA A 194 -11.47 -4.10 -6.95
C ALA A 194 -12.38 -4.29 -5.73
N VAL A 195 -13.69 -4.24 -5.95
CA VAL A 195 -14.63 -4.47 -4.85
C VAL A 195 -14.51 -5.91 -4.34
N LYS A 196 -14.42 -6.87 -5.26
CA LYS A 196 -14.22 -8.27 -4.89
C LYS A 196 -12.96 -8.45 -4.04
N LEU A 197 -11.83 -7.86 -4.45
CA LEU A 197 -10.59 -8.10 -3.67
C LEU A 197 -10.66 -7.44 -2.31
N TYR A 198 -11.17 -6.22 -2.30
CA TYR A 198 -11.22 -5.49 -1.05
C TYR A 198 -12.10 -6.19 -0.02
N SER A 199 -13.27 -6.62 -0.44
CA SER A 199 -14.26 -7.23 0.46
C SER A 199 -13.71 -8.48 1.07
N LYS A 200 -13.13 -9.33 0.23
CA LYS A 200 -12.48 -10.55 0.70
C LYS A 200 -11.43 -10.23 1.79
N CYS A 201 -10.53 -9.29 1.53
CA CYS A 201 -9.45 -9.00 2.50
C CYS A 201 -9.97 -8.29 3.74
N LYS A 202 -10.95 -7.40 3.52
CA LYS A 202 -11.53 -6.67 4.61
C LYS A 202 -12.16 -7.63 5.63
N ASP A 203 -12.94 -8.58 5.14
CA ASP A 203 -13.60 -9.58 6.01
C ASP A 203 -12.58 -10.43 6.75
N TYR A 204 -11.53 -10.86 6.04
CA TYR A 204 -10.51 -11.70 6.65
C TYR A 204 -9.81 -10.89 7.76
N ALA A 205 -9.44 -9.65 7.47
CA ALA A 205 -8.69 -8.85 8.45
C ALA A 205 -9.52 -8.52 9.68
N LYS A 206 -10.80 -8.25 9.46
CA LYS A 206 -11.72 -7.94 10.54
C LYS A 206 -11.80 -9.07 11.57
N GLU A 207 -11.86 -10.32 11.11
CA GLU A 207 -11.83 -11.48 11.99
C GLU A 207 -10.52 -11.55 12.77
N LYS A 208 -9.43 -10.99 12.21
CA LYS A 208 -8.16 -11.02 12.92
C LYS A 208 -8.01 -9.81 13.83
N GLY A 209 -8.95 -8.86 13.77
CA GLY A 209 -8.92 -7.71 14.64
C GLY A 209 -8.45 -6.39 14.02
N ILE A 210 -8.35 -6.35 12.69
CA ILE A 210 -7.91 -5.11 12.03
C ILE A 210 -8.99 -4.69 11.08
N ILE A 211 -9.39 -3.41 11.15
CA ILE A 211 -10.33 -2.90 10.19
C ILE A 211 -9.56 -2.21 9.10
N ILE A 212 -9.72 -2.68 7.87
CA ILE A 212 -9.11 -2.01 6.73
C ILE A 212 -10.18 -1.06 6.17
N ALA A 213 -10.04 0.23 6.47
CA ALA A 213 -11.12 1.19 6.20
C ALA A 213 -11.25 1.44 4.71
N ASP A 214 -10.10 1.42 4.02
CA ASP A 214 -10.04 1.64 2.59
C ASP A 214 -8.68 1.20 2.10
N THR A 215 -8.52 1.11 0.80
CA THR A 215 -7.25 0.68 0.28
C THR A 215 -7.10 1.21 -1.15
N LYS A 216 -5.86 1.34 -1.60
CA LYS A 216 -5.57 1.81 -2.93
C LYS A 216 -5.00 0.61 -3.73
N PHE A 217 -5.66 0.19 -4.79
CA PHE A 217 -5.09 -0.84 -5.64
C PHE A 217 -4.52 -0.14 -6.88
N GLU A 218 -3.53 -0.79 -7.49
CA GLU A 218 -3.19 -0.42 -8.86
C GLU A 218 -3.22 -1.65 -9.72
N PHE A 219 -3.72 -1.49 -10.95
CA PHE A 219 -3.90 -2.57 -11.87
C PHE A 219 -3.15 -2.30 -13.16
N GLY A 220 -2.57 -3.38 -13.68
CA GLY A 220 -2.04 -3.38 -15.02
C GLY A 220 -2.95 -4.23 -15.89
N ILE A 221 -2.66 -4.21 -17.17
CA ILE A 221 -3.45 -4.93 -18.15
C ILE A 221 -2.50 -5.64 -19.10
N ASP A 222 -2.76 -6.93 -19.32
CA ASP A 222 -2.09 -7.69 -20.34
C ASP A 222 -2.87 -7.42 -21.62
N GLU A 223 -2.27 -6.73 -22.58
CA GLU A 223 -3.06 -6.36 -23.76
C GLU A 223 -3.27 -7.49 -24.74
N LYS A 224 -2.46 -8.53 -24.65
CA LYS A 224 -2.71 -9.74 -25.45
C LYS A 224 -3.98 -10.43 -24.95
N THR A 225 -3.97 -10.84 -23.68
CA THR A 225 -5.03 -11.67 -23.10
C THR A 225 -6.20 -10.88 -22.52
N ASN A 226 -6.06 -9.55 -22.47
CA ASN A 226 -7.00 -8.64 -21.82
C ASN A 226 -7.16 -8.78 -20.29
N GLU A 227 -6.30 -9.57 -19.67
CA GLU A 227 -6.42 -9.86 -18.23
C GLU A 227 -5.95 -8.67 -17.40
N ILE A 228 -6.67 -8.39 -16.34
CA ILE A 228 -6.23 -7.38 -15.38
C ILE A 228 -5.23 -8.00 -14.39
N ILE A 229 -4.15 -7.27 -14.10
CA ILE A 229 -3.08 -7.78 -13.24
C ILE A 229 -2.94 -6.86 -12.03
N LEU A 230 -2.82 -7.47 -10.86
CA LEU A 230 -2.56 -6.72 -9.65
C LEU A 230 -1.09 -6.34 -9.64
N VAL A 231 -0.83 -5.04 -9.53
CA VAL A 231 0.56 -4.59 -9.50
C VAL A 231 0.84 -3.82 -8.20
N ASP A 232 1.99 -3.16 -8.12
CA ASP A 232 2.29 -2.36 -6.95
C ASP A 232 2.26 -3.19 -5.65
N GLU A 233 2.09 -2.55 -4.51
CA GLU A 233 1.99 -3.26 -3.24
C GLU A 233 0.52 -3.34 -2.89
N VAL A 234 0.17 -4.36 -2.13
CA VAL A 234 -1.19 -4.66 -1.83
C VAL A 234 -1.43 -4.73 -0.32
N LEU A 235 -2.41 -3.95 0.14
CA LEU A 235 -3.00 -4.06 1.48
C LEU A 235 -1.99 -3.97 2.63
N THR A 236 -1.03 -3.05 2.49
CA THR A 236 -0.16 -2.77 3.61
C THR A 236 -0.65 -1.46 4.26
N PRO A 237 -0.19 -1.17 5.48
CA PRO A 237 -0.55 0.09 6.15
C PRO A 237 -0.10 1.35 5.41
N ASP A 238 0.84 1.24 4.48
CA ASP A 238 1.24 2.40 3.68
C ASP A 238 0.24 2.64 2.53
N SER A 239 -0.51 1.62 2.12
CA SER A 239 -1.41 1.77 0.96
C SER A 239 -2.88 1.73 1.35
N SER A 240 -3.13 1.52 2.65
CA SER A 240 -4.45 1.28 3.19
C SER A 240 -4.56 2.01 4.53
N ARG A 241 -5.78 2.26 4.97
CA ARG A 241 -6.01 2.82 6.29
C ARG A 241 -6.33 1.65 7.21
N PHE A 242 -5.45 1.34 8.15
CA PHE A 242 -5.67 0.22 9.08
C PHE A 242 -6.15 0.83 10.38
N TRP A 243 -7.19 0.27 10.97
CA TRP A 243 -7.66 0.66 12.30
C TRP A 243 -7.64 -0.54 13.22
N ASN A 244 -7.35 -0.29 14.49
CA ASN A 244 -7.47 -1.33 15.51
C ASN A 244 -8.96 -1.68 15.71
N GLY A 245 -9.32 -2.92 15.42
CA GLY A 245 -10.70 -3.35 15.55
C GLY A 245 -11.26 -3.25 16.97
N ALA A 246 -10.40 -3.52 17.95
CA ALA A 246 -10.80 -3.58 19.35
C ALA A 246 -11.23 -2.20 19.85
N SER A 247 -10.56 -1.15 19.40
CA SER A 247 -10.93 0.22 19.81
C SER A 247 -11.90 0.94 18.83
N TYR A 248 -12.41 0.22 17.83
CA TYR A 248 -13.23 0.85 16.80
C TYR A 248 -14.57 1.32 17.35
N LYS A 249 -14.90 2.59 17.08
CA LYS A 249 -16.16 3.19 17.50
C LYS A 249 -16.74 4.14 16.46
N VAL A 250 -17.96 3.84 16.01
CA VAL A 250 -18.71 4.71 15.10
C VAL A 250 -18.96 6.08 15.73
N GLY A 251 -18.84 7.14 14.94
CA GLY A 251 -19.15 8.48 15.38
C GLY A 251 -17.96 9.18 15.97
N GLU A 252 -16.78 8.61 15.77
CA GLU A 252 -15.54 9.18 16.26
C GLU A 252 -14.46 9.04 15.20
N SER A 253 -13.42 9.82 15.37
CA SER A 253 -12.18 9.63 14.64
C SER A 253 -11.47 8.36 15.14
N GLN A 254 -10.77 7.64 14.26
CA GLN A 254 -10.02 6.47 14.69
C GLN A 254 -8.53 6.80 14.68
N ASP A 255 -7.78 6.26 15.62
CA ASP A 255 -6.32 6.33 15.57
C ASP A 255 -5.75 5.55 14.38
N SER A 256 -4.67 6.07 13.82
CA SER A 256 -3.87 5.34 12.85
C SER A 256 -3.24 4.15 13.57
N TYR A 257 -3.39 2.97 12.99
CA TYR A 257 -2.86 1.76 13.57
C TYR A 257 -1.34 1.86 13.75
N ASP A 258 -0.67 2.27 12.69
CA ASP A 258 0.78 2.29 12.69
C ASP A 258 1.42 3.63 13.06
N LYS A 259 0.79 4.72 12.68
CA LYS A 259 1.46 6.01 12.74
C LYS A 259 0.95 6.98 13.81
N GLN A 260 0.07 6.51 14.70
CA GLN A 260 -0.48 7.43 15.68
C GLN A 260 0.57 8.03 16.63
N PHE A 261 1.52 7.23 17.08
CA PHE A 261 2.50 7.73 18.02
C PHE A 261 3.35 8.80 17.38
N LEU A 262 3.72 8.54 16.12
CA LEU A 262 4.53 9.46 15.37
C LEU A 262 3.76 10.74 15.08
N ARG A 263 2.53 10.59 14.61
CA ARG A 263 1.68 11.74 14.32
C ARG A 263 1.45 12.64 15.54
N ASP A 264 1.16 12.05 16.69
CA ASP A 264 0.91 12.84 17.91
C ASP A 264 2.17 13.57 18.36
N TRP A 265 3.31 12.88 18.27
CA TRP A 265 4.58 13.49 18.63
C TRP A 265 4.91 14.68 17.74
N LEU A 266 4.72 14.53 16.42
CA LEU A 266 4.98 15.61 15.48
C LEU A 266 4.04 16.82 15.70
N THR A 267 2.74 16.56 15.85
CA THR A 267 1.76 17.63 16.01
C THR A 267 1.96 18.40 17.31
N ALA A 268 2.31 17.68 18.38
CA ALA A 268 2.59 18.28 19.68
C ALA A 268 3.81 19.21 19.69
N ASN A 269 4.69 19.04 18.70
CA ASN A 269 5.90 19.83 18.58
C ASN A 269 5.82 20.75 17.39
N LYS A 270 4.66 20.75 16.75
CA LYS A 270 4.43 21.45 15.48
C LYS A 270 5.45 21.11 14.38
N LEU A 271 5.97 19.87 14.41
CA LEU A 271 6.98 19.45 13.44
C LEU A 271 6.40 18.84 12.18
N ASN A 272 5.08 18.79 12.07
CA ASN A 272 4.46 18.24 10.87
C ASN A 272 4.83 19.06 9.65
N GLY A 273 5.21 18.36 8.57
CA GLY A 273 5.62 19.00 7.34
C GLY A 273 7.07 19.48 7.35
N VAL A 274 7.76 19.34 8.48
CA VAL A 274 9.14 19.79 8.61
C VAL A 274 10.16 18.71 8.18
N ASN A 275 11.15 19.11 7.38
CA ASN A 275 12.18 18.20 6.89
C ASN A 275 13.29 17.89 7.89
N GLY A 276 13.87 16.69 7.75
CA GLY A 276 15.05 16.30 8.49
C GLY A 276 14.80 16.01 9.95
N VAL A 277 13.56 15.65 10.29
CA VAL A 277 13.19 15.38 11.67
C VAL A 277 13.59 13.96 12.05
N LYS A 278 14.28 13.84 13.17
CA LYS A 278 14.65 12.56 13.74
C LYS A 278 13.65 12.11 14.80
N MET A 279 13.09 10.93 14.61
CA MET A 279 12.18 10.39 15.61
C MET A 279 12.96 9.98 16.85
N PRO A 280 12.46 10.33 18.03
CA PRO A 280 13.07 9.83 19.27
C PRO A 280 12.97 8.31 19.34
N GLN A 281 13.89 7.67 20.07
CA GLN A 281 13.97 6.22 20.11
C GLN A 281 12.67 5.57 20.52
N ASP A 282 11.97 6.16 21.49
CA ASP A 282 10.75 5.55 21.96
C ASP A 282 9.64 5.64 20.90
N ILE A 283 9.66 6.68 20.08
CA ILE A 283 8.75 6.72 18.96
C ILE A 283 9.09 5.59 17.97
N VAL A 284 10.35 5.43 17.65
CA VAL A 284 10.78 4.34 16.77
C VAL A 284 10.30 2.98 17.27
N ASP A 285 10.56 2.70 18.54
CA ASP A 285 10.25 1.38 19.11
C ASP A 285 8.76 1.10 19.13
N ARG A 286 7.99 2.10 19.51
CA ARG A 286 6.54 1.96 19.55
C ARG A 286 5.94 1.77 18.18
N THR A 287 6.46 2.48 17.19
CA THR A 287 5.97 2.36 15.82
C THR A 287 6.38 1.00 15.24
N ARG A 288 7.64 0.61 15.42
CA ARG A 288 8.09 -0.71 14.97
C ARG A 288 7.19 -1.85 15.54
N ALA A 289 6.85 -1.77 16.82
CA ALA A 289 6.03 -2.78 17.46
C ALA A 289 4.70 -2.95 16.75
N LYS A 290 4.12 -1.85 16.23
CA LYS A 290 2.85 -1.87 15.52
C LYS A 290 2.97 -2.58 14.18
N TYR A 291 4.07 -2.37 13.47
CA TYR A 291 4.26 -3.06 12.20
C TYR A 291 4.40 -4.55 12.43
N ILE A 292 5.11 -4.90 13.50
CA ILE A 292 5.24 -6.30 13.87
C ILE A 292 3.88 -6.89 14.25
N GLU A 293 3.12 -6.14 15.04
CA GLU A 293 1.79 -6.59 15.45
C GLU A 293 0.85 -6.76 14.25
N ALA A 294 0.88 -5.82 13.30
CA ALA A 294 0.07 -5.95 12.08
C ALA A 294 0.43 -7.24 11.34
N TYR A 295 1.73 -7.47 11.22
CA TYR A 295 2.25 -8.65 10.55
C TYR A 295 1.80 -9.96 11.18
N GLU A 296 2.01 -10.08 12.49
CA GLU A 296 1.67 -11.29 13.25
C GLU A 296 0.15 -11.51 13.24
N THR A 297 -0.59 -10.42 13.42
CA THR A 297 -2.05 -10.47 13.41
C THR A 297 -2.61 -11.02 12.09
N LEU A 298 -2.19 -10.45 10.98
CA LEU A 298 -2.80 -10.80 9.69
C LEU A 298 -2.33 -12.14 9.15
N THR A 299 -1.09 -12.45 9.47
CA THR A 299 -0.38 -13.57 8.92
C THR A 299 -0.52 -14.84 9.80
N GLY A 300 -0.78 -14.66 11.09
CA GLY A 300 -0.77 -15.77 12.02
C GLY A 300 0.63 -16.27 12.40
N SER A 301 1.68 -15.67 11.84
CA SER A 301 3.06 -16.06 12.15
C SER A 301 3.63 -15.20 13.26
N LYS A 302 4.49 -15.74 14.10
CA LYS A 302 5.14 -14.91 15.10
C LYS A 302 6.45 -14.44 14.52
N TRP A 303 6.81 -13.22 14.85
CA TRP A 303 8.00 -12.63 14.30
C TRP A 303 9.23 -13.10 15.11
N SER A 304 9.18 -12.86 16.41
CA SER A 304 10.21 -13.30 17.33
C SER A 304 9.66 -13.20 18.73
N HIS A 305 10.53 -13.33 19.73
CA HIS A 305 10.09 -13.22 21.11
C HIS A 305 9.78 -11.74 21.46
P AMP B . 6.10 3.75 -5.98
O1P AMP B . 5.18 3.19 -4.88
O2P AMP B . 7.55 3.55 -5.68
O3P AMP B . 5.80 5.32 -6.19
O5' AMP B . 5.81 2.98 -7.35
C5' AMP B . 6.65 3.23 -8.44
C4' AMP B . 5.83 3.17 -9.70
O4' AMP B . 5.82 1.83 -10.17
C3' AMP B . 4.37 3.58 -9.45
O3' AMP B . 4.02 4.56 -10.38
C2' AMP B . 3.58 2.30 -9.71
O2' AMP B . 2.38 2.61 -10.35
C1' AMP B . 4.53 1.54 -10.64
N9 AMP B . 4.34 0.07 -10.67
C8 AMP B . 3.94 -0.78 -9.67
N7 AMP B . 3.91 -2.03 -10.20
C5 AMP B . 4.28 -1.99 -11.50
C6 AMP B . 4.43 -2.95 -12.50
N6 AMP B . 4.38 -4.26 -12.23
N1 AMP B . 4.83 -2.54 -13.77
C2 AMP B . 5.10 -1.22 -14.04
N3 AMP B . 4.95 -0.27 -13.03
C4 AMP B . 4.55 -0.66 -11.80
S SO4 C . -8.34 9.79 1.80
O1 SO4 C . -8.72 11.13 2.24
O2 SO4 C . -9.20 8.85 2.50
O3 SO4 C . -8.48 9.72 0.36
O4 SO4 C . -6.98 9.53 2.20
P AMP D . 6.80 -19.76 -3.26
O1P AMP D . 5.53 -18.91 -3.46
O2P AMP D . 7.65 -19.75 -4.48
O3P AMP D . 6.40 -21.27 -2.82
O5' AMP D . 7.68 -19.25 -2.02
C5' AMP D . 9.09 -19.16 -2.08
C4' AMP D . 9.57 -17.88 -1.37
O4' AMP D . 10.03 -16.96 -2.35
C3' AMP D . 8.45 -17.21 -0.59
O3' AMP D . 8.94 -16.60 0.59
C2' AMP D . 7.96 -16.15 -1.57
O2' AMP D . 7.31 -15.08 -0.93
C1' AMP D . 9.25 -15.78 -2.30
N9 AMP D . 8.96 -15.28 -3.67
C8 AMP D . 8.18 -15.86 -4.65
N7 AMP D . 8.18 -15.06 -5.74
C5 AMP D . 8.94 -13.97 -5.47
C6 AMP D . 9.27 -12.86 -6.24
N6 AMP D . 8.69 -12.67 -7.42
N1 AMP D . 10.08 -11.90 -5.68
C2 AMP D . 10.57 -12.03 -4.39
N3 AMP D . 10.24 -13.15 -3.64
C4 AMP D . 9.45 -14.09 -4.17
MG MG E . 2.98 2.58 7.11
S SO4 F . 6.76 4.56 -2.69
O1 SO4 F . 7.81 4.37 -1.71
O2 SO4 F . 5.70 3.57 -2.49
O3 SO4 F . 6.22 5.93 -2.69
O4 SO4 F . 7.38 4.35 -3.97
#